data_4FPP
#
_entry.id   4FPP
#
_cell.length_a   103.540
_cell.length_b   210.160
_cell.length_c   93.930
_cell.angle_alpha   90.00
_cell.angle_beta   90.00
_cell.angle_gamma   90.00
#
_symmetry.space_group_name_H-M   'C 2 2 21'
#
loop_
_entity.id
_entity.type
_entity.pdbx_description
1 polymer phosphotransferase
2 non-polymer 'NICKEL (II) ION'
3 non-polymer GLYCEROL
4 non-polymer 'MAGNESIUM ION'
5 water water
#
_entity_poly.entity_id   1
_entity_poly.type   'polypeptide(L)'
_entity_poly.pdbx_seq_one_letter_code
;MGSSHHHHHHSSGLVPRGSHNQMTETVTETTAPASPEADVQGPDFAAMLAARLCHDFISPASAIVSGLDLLEDPSAQDMR
DDAMNLIASSARKLADLLQFTRVAFGASASAENFDSRELEKLAQGVFAHVRPTLDWQIEPQAMNKPSSRAVLNIAQIAAS
ALPAGGVATVKGVAADGRFSIIADAKGPRARLRPEVLAGLKGEPLAEGLGGPWVQAAYLNALVRAAGGQIAVEIGEDRAS
IAAWVPA
;
_entity_poly.pdbx_strand_id   A,B,C
#
loop_
_chem_comp.id
_chem_comp.type
_chem_comp.name
_chem_comp.formula
GOL non-polymer GLYCEROL 'C3 H8 O3'
MG non-polymer 'MAGNESIUM ION' 'Mg 2'
NI non-polymer 'NICKEL (II) ION' 'Ni 2'
#
# COMPACT_ATOMS: atom_id res chain seq x y z
N PRO A 43 9.38 -35.88 25.74
CA PRO A 43 8.59 -34.60 25.48
C PRO A 43 9.37 -33.49 24.77
N ASP A 44 10.46 -33.92 24.15
CA ASP A 44 11.33 -33.07 23.42
C ASP A 44 10.66 -32.50 22.18
N PHE A 45 9.91 -33.30 21.45
CA PHE A 45 9.25 -32.83 20.25
C PHE A 45 8.18 -31.78 20.60
N ALA A 46 7.29 -32.14 21.53
CA ALA A 46 6.23 -31.29 22.05
C ALA A 46 6.77 -29.88 22.50
N ALA A 47 7.84 -29.88 23.31
CA ALA A 47 8.46 -28.67 23.76
C ALA A 47 9.00 -27.87 22.61
N MET A 48 9.58 -28.49 21.63
CA MET A 48 10.03 -27.70 20.48
C MET A 48 8.88 -27.08 19.77
N LEU A 49 7.76 -27.79 19.65
CA LEU A 49 6.64 -27.17 18.96
C LEU A 49 6.09 -25.98 19.80
N ALA A 50 6.10 -26.15 21.13
CA ALA A 50 5.62 -25.09 22.02
C ALA A 50 6.53 -23.88 21.88
N ALA A 51 7.83 -24.09 21.79
CA ALA A 51 8.81 -23.01 21.64
C ALA A 51 8.50 -22.30 20.32
N ARG A 52 8.27 -23.05 19.25
CA ARG A 52 7.91 -22.41 17.99
C ARG A 52 6.75 -21.43 18.16
N LEU A 53 5.61 -21.95 18.61
CA LEU A 53 4.38 -21.21 18.85
C LEU A 53 4.66 -19.97 19.68
N CYS A 54 5.39 -20.13 20.77
CA CYS A 54 5.67 -18.99 21.62
C CYS A 54 6.47 -17.92 20.89
N HIS A 55 7.42 -18.34 20.09
CA HIS A 55 8.22 -17.39 19.37
C HIS A 55 7.38 -16.60 18.33
N ASP A 56 6.45 -17.26 17.63
CA ASP A 56 5.69 -16.57 16.67
C ASP A 56 4.71 -15.60 17.37
N PHE A 57 4.18 -15.96 18.54
CA PHE A 57 3.16 -15.12 19.15
C PHE A 57 3.78 -13.92 19.87
N ILE A 58 4.99 -14.08 20.39
CA ILE A 58 5.66 -13.11 21.21
C ILE A 58 5.97 -11.78 20.48
N SER A 59 6.26 -11.85 19.19
CA SER A 59 6.51 -10.63 18.48
C SER A 59 5.30 -9.67 18.53
N PRO A 60 4.13 -10.14 18.04
CA PRO A 60 3.09 -9.12 18.01
C PRO A 60 2.59 -8.73 19.40
N ALA A 61 2.76 -9.62 20.37
CA ALA A 61 2.26 -9.40 21.75
C ALA A 61 3.19 -8.38 22.42
N SER A 62 4.48 -8.52 22.19
CA SER A 62 5.38 -7.52 22.69
C SER A 62 5.05 -6.12 22.05
N ALA A 63 4.80 -6.11 20.76
CA ALA A 63 4.43 -4.89 20.08
C ALA A 63 3.25 -4.16 20.68
N ILE A 64 2.22 -4.89 21.05
CA ILE A 64 1.10 -4.29 21.71
C ILE A 64 1.55 -3.69 23.01
N VAL A 65 2.36 -4.41 23.75
CA VAL A 65 2.77 -3.89 25.02
C VAL A 65 3.54 -2.62 24.81
N SER A 66 4.45 -2.64 23.86
CA SER A 66 5.23 -1.47 23.57
C SER A 66 4.34 -0.31 23.15
N GLY A 67 3.44 -0.57 22.24
CA GLY A 67 2.52 0.45 21.82
C GLY A 67 1.83 1.14 22.96
N LEU A 68 1.33 0.37 23.89
CA LEU A 68 0.62 0.94 25.02
C LEU A 68 1.55 1.67 26.02
N ASP A 69 2.82 1.25 26.13
CA ASP A 69 3.82 1.96 26.91
C ASP A 69 4.04 3.38 26.33
N LEU A 70 4.10 3.47 25.00
CA LEU A 70 4.19 4.74 24.31
C LEU A 70 2.99 5.64 24.56
N LEU A 71 1.77 5.11 24.43
CA LEU A 71 0.56 5.87 24.82
C LEU A 71 0.67 6.50 26.19
N GLU A 72 1.06 5.73 27.19
CA GLU A 72 1.21 6.23 28.57
C GLU A 72 2.44 7.14 28.86
N ASP A 73 3.47 7.09 28.03
CA ASP A 73 4.71 7.74 28.34
C ASP A 73 4.54 9.25 28.03
N PRO A 74 4.62 10.12 29.07
CA PRO A 74 4.16 11.49 28.83
C PRO A 74 5.13 12.21 27.89
N SER A 75 6.23 11.54 27.55
CA SER A 75 7.31 12.07 26.76
C SER A 75 7.36 11.55 25.27
N ALA A 76 6.43 10.66 24.87
CA ALA A 76 6.37 10.17 23.48
C ALA A 76 5.06 10.53 22.80
N GLN A 77 4.33 11.47 23.40
CA GLN A 77 3.05 11.96 22.84
C GLN A 77 3.15 12.35 21.36
N ASP A 78 4.37 12.57 20.91
CA ASP A 78 4.60 12.77 19.47
C ASP A 78 4.27 11.56 18.57
N MET A 79 4.15 10.37 19.17
CA MET A 79 3.96 9.14 18.40
C MET A 79 2.65 8.46 18.72
N ARG A 80 1.71 9.16 19.36
CA ARG A 80 0.49 8.59 19.83
C ARG A 80 -0.19 7.82 18.72
N ASP A 81 -0.27 8.39 17.53
CA ASP A 81 -1.00 7.71 16.47
C ASP A 81 -0.34 6.42 15.89
N ASP A 82 0.97 6.43 15.84
CA ASP A 82 1.71 5.31 15.36
C ASP A 82 1.64 4.17 16.39
N ALA A 83 1.59 4.55 17.68
CA ALA A 83 1.49 3.60 18.81
C ALA A 83 0.13 2.91 18.75
N MET A 84 -0.93 3.69 18.60
CA MET A 84 -2.31 3.18 18.51
C MET A 84 -2.47 2.27 17.29
N ASN A 85 -1.96 2.69 16.13
CA ASN A 85 -1.90 1.85 14.93
C ASN A 85 -1.12 0.53 15.11
N LEU A 86 -0.03 0.60 15.87
CA LEU A 86 0.76 -0.59 16.13
C LEU A 86 0.00 -1.57 17.06
N ILE A 87 -0.78 -1.06 18.02
CA ILE A 87 -1.55 -1.93 18.90
C ILE A 87 -2.63 -2.63 18.04
N ALA A 88 -3.23 -1.87 17.14
CA ALA A 88 -4.37 -2.38 16.33
C ALA A 88 -3.87 -3.43 15.36
N SER A 89 -2.73 -3.16 14.77
CA SER A 89 -2.20 -4.07 13.80
C SER A 89 -1.61 -5.30 14.41
N SER A 90 -0.95 -5.17 15.54
CA SER A 90 -0.42 -6.33 16.21
C SER A 90 -1.52 -7.23 16.63
N ALA A 91 -2.60 -6.66 17.12
CA ALA A 91 -3.68 -7.44 17.59
C ALA A 91 -4.31 -8.18 16.47
N ARG A 92 -4.32 -7.59 15.30
CA ARG A 92 -4.85 -8.27 14.17
C ARG A 92 -3.89 -9.37 13.77
N LYS A 93 -2.61 -9.12 13.86
CA LYS A 93 -1.61 -10.13 13.46
C LYS A 93 -1.79 -11.37 14.36
N LEU A 94 -1.88 -11.15 15.65
CA LEU A 94 -2.10 -12.21 16.61
C LEU A 94 -3.33 -13.00 16.34
N ALA A 95 -4.44 -12.36 16.13
CA ALA A 95 -5.65 -13.11 15.77
C ALA A 95 -5.37 -13.97 14.54
N ASP A 96 -4.72 -13.45 13.53
CA ASP A 96 -4.50 -14.23 12.30
C ASP A 96 -3.63 -15.49 12.55
N LEU A 97 -2.61 -15.34 13.37
CA LEU A 97 -1.68 -16.38 13.71
C LEU A 97 -2.37 -17.47 14.59
N LEU A 98 -3.19 -17.01 15.53
CA LEU A 98 -3.92 -17.94 16.36
C LEU A 98 -5.00 -18.69 15.58
N GLN A 99 -5.81 -18.02 14.78
CA GLN A 99 -6.79 -18.77 13.97
C GLN A 99 -6.12 -19.90 13.09
N PHE A 100 -5.02 -19.54 12.45
CA PHE A 100 -4.14 -20.49 11.70
C PHE A 100 -3.56 -21.61 12.57
N THR A 101 -2.86 -21.28 13.67
CA THR A 101 -2.23 -22.31 14.54
C THR A 101 -3.16 -23.35 15.17
N ARG A 102 -4.37 -22.94 15.48
CA ARG A 102 -5.37 -23.85 15.94
C ARG A 102 -5.67 -25.00 14.95
N VAL A 103 -5.71 -24.74 13.65
CA VAL A 103 -5.94 -25.83 12.70
C VAL A 103 -4.63 -26.49 12.22
N ALA A 104 -3.65 -25.67 11.90
CA ALA A 104 -2.39 -26.21 11.42
C ALA A 104 -1.69 -27.11 12.44
N PHE A 105 -1.79 -26.77 13.71
CA PHE A 105 -1.02 -27.47 14.72
C PHE A 105 -1.90 -28.12 15.76
N GLY A 106 -3.03 -27.47 16.07
CA GLY A 106 -3.81 -27.80 17.21
C GLY A 106 -4.86 -28.83 16.96
N ALA A 107 -5.13 -29.20 15.71
CA ALA A 107 -6.29 -30.00 15.39
C ALA A 107 -5.90 -31.41 15.78
N SER A 108 -6.87 -32.29 16.09
CA SER A 108 -6.55 -33.74 16.26
C SER A 108 -6.71 -34.65 15.00
N ALA A 109 -5.95 -35.78 14.95
CA ALA A 109 -6.13 -36.89 13.96
C ALA A 109 -7.57 -37.38 13.66
N SER A 110 -8.48 -37.02 14.58
CA SER A 110 -9.92 -37.40 14.55
C SER A 110 -10.68 -36.97 13.26
N ALA A 111 -11.60 -37.79 12.77
CA ALA A 111 -12.20 -37.51 11.43
C ALA A 111 -13.18 -36.32 11.39
N GLU A 112 -12.93 -35.38 10.47
CA GLU A 112 -13.60 -34.08 10.47
C GLU A 112 -13.28 -33.41 9.11
N ASN A 113 -14.28 -32.90 8.42
CA ASN A 113 -14.08 -32.15 7.20
C ASN A 113 -13.98 -30.62 7.43
N PHE A 114 -13.17 -29.93 6.61
CA PHE A 114 -13.08 -28.48 6.64
C PHE A 114 -13.46 -27.99 5.28
N ASP A 115 -14.07 -26.80 5.21
CA ASP A 115 -14.21 -26.14 3.94
C ASP A 115 -12.90 -25.46 3.50
N SER A 116 -12.47 -25.73 2.26
CA SER A 116 -11.24 -25.17 1.67
C SER A 116 -11.22 -23.65 1.64
N ARG A 117 -12.38 -23.03 1.48
CA ARG A 117 -12.54 -21.57 1.60
C ARG A 117 -12.13 -21.10 2.99
N GLU A 118 -12.55 -21.83 4.00
CA GLU A 118 -12.13 -21.46 5.33
C GLU A 118 -10.63 -21.64 5.44
N LEU A 119 -10.06 -22.70 4.83
CA LEU A 119 -8.60 -22.88 4.86
C LEU A 119 -7.91 -21.74 4.12
N GLU A 120 -8.49 -21.29 3.00
CA GLU A 120 -7.93 -20.19 2.25
C GLU A 120 -7.83 -18.99 3.14
N LYS A 121 -8.95 -18.69 3.79
CA LYS A 121 -8.95 -17.64 4.77
C LYS A 121 -7.82 -17.70 5.82
N LEU A 122 -7.60 -18.86 6.46
CA LEU A 122 -6.51 -19.03 7.45
C LEU A 122 -5.11 -18.78 6.84
N ALA A 123 -4.87 -19.31 5.66
CA ALA A 123 -3.57 -19.16 4.97
C ALA A 123 -3.43 -17.68 4.53
N GLN A 124 -4.52 -17.10 4.04
CA GLN A 124 -4.47 -15.66 3.69
C GLN A 124 -4.06 -14.81 4.89
N GLY A 125 -4.55 -15.17 6.09
CA GLY A 125 -4.21 -14.41 7.28
C GLY A 125 -2.74 -14.40 7.67
N VAL A 126 -2.04 -15.46 7.38
CA VAL A 126 -0.67 -15.62 7.73
C VAL A 126 0.24 -14.98 6.66
N PHE A 127 -0.21 -15.02 5.42
CA PHE A 127 0.49 -14.33 4.33
C PHE A 127 0.35 -12.80 4.43
N ALA A 128 -0.66 -12.29 5.15
CA ALA A 128 -0.82 -10.88 5.38
C ALA A 128 0.35 -10.25 6.13
N HIS A 129 1.12 -11.05 6.87
CA HIS A 129 2.14 -10.51 7.78
C HIS A 129 3.56 -10.85 7.36
N VAL A 130 3.72 -11.33 6.13
CA VAL A 130 5.04 -11.59 5.52
C VAL A 130 5.06 -11.01 4.10
N ARG A 131 6.18 -11.13 3.41
CA ARG A 131 6.34 -10.49 2.11
C ARG A 131 5.68 -11.22 0.96
N PRO A 132 5.79 -12.55 0.88
CA PRO A 132 5.24 -13.14 -0.33
C PRO A 132 3.73 -13.01 -0.48
N THR A 133 3.23 -13.14 -1.70
CA THR A 133 1.80 -13.18 -1.95
C THR A 133 1.28 -14.63 -2.10
N LEU A 134 -0.01 -14.85 -1.86
CA LEU A 134 -0.59 -16.19 -1.93
C LEU A 134 -1.48 -16.26 -3.15
N ASP A 135 -1.35 -17.30 -3.95
CA ASP A 135 -2.28 -17.63 -5.06
C ASP A 135 -2.89 -19.01 -4.73
N TRP A 136 -4.04 -19.01 -4.06
CA TRP A 136 -4.75 -20.19 -3.69
C TRP A 136 -5.57 -20.64 -4.84
N GLN A 137 -5.43 -21.89 -5.26
CA GLN A 137 -6.12 -22.39 -6.47
C GLN A 137 -6.95 -23.63 -6.21
N ILE A 138 -7.07 -24.04 -4.97
CA ILE A 138 -7.95 -25.13 -4.62
C ILE A 138 -9.38 -24.70 -4.86
N GLU A 139 -10.09 -25.49 -5.65
CA GLU A 139 -11.48 -25.21 -5.98
C GLU A 139 -12.27 -25.53 -4.72
N PRO A 140 -13.25 -24.69 -4.36
CA PRO A 140 -13.90 -24.81 -3.03
C PRO A 140 -14.62 -26.12 -2.91
N GLN A 141 -14.40 -26.79 -1.78
CA GLN A 141 -14.78 -28.19 -1.60
C GLN A 141 -14.39 -28.53 -0.20
N ALA A 142 -14.95 -29.61 0.32
CA ALA A 142 -14.66 -30.10 1.64
C ALA A 142 -13.36 -30.92 1.64
N MET A 143 -12.58 -30.85 2.71
CA MET A 143 -11.29 -31.50 2.72
C MET A 143 -11.15 -32.25 4.04
N ASN A 144 -10.71 -33.50 4.01
CA ASN A 144 -10.61 -34.25 5.23
C ASN A 144 -9.55 -33.67 6.13
N LYS A 145 -9.35 -34.23 7.30
CA LYS A 145 -8.51 -33.61 8.29
C LYS A 145 -7.00 -33.61 8.03
N PRO A 146 -6.47 -34.69 7.51
CA PRO A 146 -5.06 -34.72 7.14
C PRO A 146 -4.82 -33.80 5.96
N SER A 147 -5.65 -33.84 4.94
CA SER A 147 -5.56 -32.84 3.88
C SER A 147 -5.45 -31.41 4.46
N SER A 148 -6.26 -31.11 5.49
CA SER A 148 -6.43 -29.75 5.95
C SER A 148 -5.26 -29.32 6.79
N ARG A 149 -4.81 -30.17 7.70
CA ARG A 149 -3.61 -29.86 8.48
C ARG A 149 -2.43 -29.76 7.48
N ALA A 150 -2.46 -30.60 6.44
CA ALA A 150 -1.34 -30.64 5.57
C ALA A 150 -1.29 -29.36 4.76
N VAL A 151 -2.42 -28.91 4.26
CA VAL A 151 -2.35 -27.83 3.33
C VAL A 151 -1.88 -26.53 3.98
N LEU A 152 -2.31 -26.36 5.22
CA LEU A 152 -2.00 -25.12 5.94
C LEU A 152 -0.49 -25.05 6.20
N ASN A 153 0.05 -26.11 6.78
CA ASN A 153 1.49 -26.23 6.93
C ASN A 153 2.29 -26.04 5.66
N ILE A 154 1.82 -26.62 4.55
CA ILE A 154 2.55 -26.58 3.28
C ILE A 154 2.57 -25.10 2.82
N ALA A 155 1.43 -24.42 2.96
CA ALA A 155 1.32 -23.03 2.49
C ALA A 155 2.30 -22.14 3.26
N GLN A 156 2.36 -22.31 4.56
CA GLN A 156 3.33 -21.50 5.31
C GLN A 156 4.83 -21.84 5.09
N ILE A 157 5.12 -23.09 4.82
CA ILE A 157 6.52 -23.48 4.57
C ILE A 157 6.94 -22.85 3.25
N ALA A 158 6.01 -22.83 2.29
CA ALA A 158 6.18 -22.18 1.01
C ALA A 158 6.41 -20.64 1.20
N ALA A 159 5.58 -19.98 2.01
CA ALA A 159 5.82 -18.61 2.33
C ALA A 159 7.21 -18.46 2.93
N SER A 160 7.58 -19.24 3.97
CA SER A 160 8.85 -18.95 4.66
C SER A 160 10.05 -19.43 3.77
N ALA A 161 9.75 -19.94 2.58
CA ALA A 161 10.82 -20.27 1.66
C ALA A 161 11.14 -19.02 0.86
N LEU A 162 10.25 -18.02 0.94
CA LEU A 162 10.38 -16.77 0.15
C LEU A 162 10.72 -15.58 0.99
N PRO A 163 11.90 -15.57 1.58
CA PRO A 163 12.33 -14.47 2.41
C PRO A 163 12.70 -13.15 1.65
N ALA A 164 12.52 -13.03 0.35
CA ALA A 164 12.59 -11.69 -0.23
C ALA A 164 11.46 -11.54 -1.19
N GLY A 165 10.33 -12.18 -0.88
CA GLY A 165 9.13 -11.96 -1.65
C GLY A 165 8.91 -12.96 -2.75
N GLY A 166 7.75 -12.88 -3.37
CA GLY A 166 7.39 -13.79 -4.42
C GLY A 166 5.96 -14.29 -4.30
N VAL A 167 5.67 -15.41 -4.97
CA VAL A 167 4.35 -15.98 -5.07
C VAL A 167 4.45 -17.42 -4.59
N ALA A 168 3.49 -17.79 -3.74
CA ALA A 168 3.27 -19.16 -3.32
C ALA A 168 1.94 -19.55 -3.92
N THR A 169 2.01 -20.49 -4.85
CA THR A 169 0.84 -20.93 -5.56
C THR A 169 0.38 -22.25 -4.89
N VAL A 170 -0.86 -22.32 -4.39
CA VAL A 170 -1.29 -23.52 -3.69
C VAL A 170 -2.31 -24.33 -4.48
N LYS A 171 -2.01 -25.60 -4.80
CA LYS A 171 -2.94 -26.43 -5.57
C LYS A 171 -3.33 -27.67 -4.77
N GLY A 172 -4.46 -28.27 -5.09
CA GLY A 172 -4.99 -29.34 -4.28
C GLY A 172 -6.10 -29.91 -5.09
N VAL A 173 -5.96 -31.18 -5.48
CA VAL A 173 -6.95 -31.91 -6.31
C VAL A 173 -7.37 -33.22 -5.61
N ALA A 174 -8.67 -33.48 -5.49
CA ALA A 174 -9.17 -34.83 -5.11
C ALA A 174 -9.30 -35.68 -6.38
N ALA A 175 -8.51 -36.74 -6.48
CA ALA A 175 -8.55 -37.61 -7.62
C ALA A 175 -7.93 -38.95 -7.22
N ASP A 176 -8.35 -40.00 -7.95
CA ASP A 176 -7.75 -41.34 -7.82
C ASP A 176 -7.62 -41.86 -6.35
N GLY A 177 -8.65 -41.68 -5.54
CA GLY A 177 -8.59 -42.16 -4.13
C GLY A 177 -7.65 -41.32 -3.23
N ARG A 178 -7.25 -40.15 -3.72
CA ARG A 178 -6.32 -39.28 -2.97
C ARG A 178 -6.70 -37.81 -2.95
N PHE A 179 -6.12 -37.09 -2.01
CA PHE A 179 -6.10 -35.66 -2.16
C PHE A 179 -4.66 -35.23 -2.23
N SER A 180 -4.30 -34.53 -3.30
CA SER A 180 -2.91 -34.26 -3.59
C SER A 180 -2.63 -32.78 -3.59
N ILE A 181 -1.74 -32.35 -2.71
CA ILE A 181 -1.48 -30.94 -2.55
C ILE A 181 -0.09 -30.64 -3.11
N ILE A 182 0.10 -29.50 -3.78
CA ILE A 182 1.44 -28.97 -4.08
C ILE A 182 1.50 -27.44 -3.88
N ALA A 183 2.48 -26.93 -3.13
CA ALA A 183 2.71 -25.49 -3.12
C ALA A 183 4.00 -25.18 -3.83
N ASP A 184 3.94 -24.28 -4.82
CA ASP A 184 5.11 -23.76 -5.54
C ASP A 184 5.43 -22.41 -5.02
N ALA A 185 6.62 -22.27 -4.46
CA ALA A 185 7.18 -20.99 -4.11
C ALA A 185 8.16 -20.48 -5.23
N LYS A 186 7.98 -19.23 -5.68
CA LYS A 186 8.80 -18.61 -6.75
C LYS A 186 9.15 -17.18 -6.36
N GLY A 187 10.44 -16.83 -6.39
CA GLY A 187 10.84 -15.44 -6.13
C GLY A 187 12.31 -15.46 -5.78
N PRO A 188 12.91 -14.26 -5.57
CA PRO A 188 14.40 -14.25 -5.53
C PRO A 188 14.96 -15.07 -4.38
N ARG A 189 15.95 -15.93 -4.64
CA ARG A 189 16.62 -16.70 -3.60
C ARG A 189 15.67 -17.63 -2.80
N ALA A 190 14.61 -18.11 -3.46
CA ALA A 190 13.69 -19.11 -2.92
C ALA A 190 14.49 -20.32 -2.52
N ARG A 191 14.20 -20.84 -1.34
CA ARG A 191 15.08 -21.81 -0.70
C ARG A 191 14.44 -22.55 0.51
N LEU A 192 14.37 -23.88 0.38
CA LEU A 192 14.06 -24.77 1.52
C LEU A 192 15.31 -24.89 2.38
N ARG A 193 15.31 -24.36 3.60
CA ARG A 193 16.54 -24.51 4.38
C ARG A 193 16.84 -25.98 4.71
N PRO A 194 18.11 -26.31 5.04
CA PRO A 194 18.42 -27.69 5.41
C PRO A 194 17.56 -28.29 6.53
N GLU A 195 17.26 -27.52 7.61
CA GLU A 195 16.42 -28.03 8.76
C GLU A 195 15.06 -28.37 8.26
N VAL A 196 14.52 -27.58 7.31
CA VAL A 196 13.17 -27.83 6.74
C VAL A 196 13.21 -29.13 5.98
N LEU A 197 14.21 -29.31 5.12
CA LEU A 197 14.31 -30.54 4.39
C LEU A 197 14.54 -31.75 5.27
N ALA A 198 15.36 -31.66 6.28
CA ALA A 198 15.53 -32.80 7.16
C ALA A 198 14.13 -33.10 7.88
N GLY A 199 13.43 -32.05 8.29
CA GLY A 199 12.11 -32.30 8.93
C GLY A 199 11.13 -32.97 7.97
N LEU A 200 11.08 -32.50 6.73
CA LEU A 200 10.15 -33.06 5.77
C LEU A 200 10.41 -34.56 5.47
N LYS A 201 11.67 -35.00 5.67
CA LYS A 201 12.01 -36.42 5.61
C LYS A 201 11.95 -37.14 6.94
N GLY A 202 11.57 -36.49 8.03
CA GLY A 202 11.50 -37.19 9.32
C GLY A 202 12.86 -37.39 9.98
N GLU A 203 13.88 -36.66 9.54
CA GLU A 203 15.20 -36.85 10.10
C GLU A 203 15.38 -35.94 11.28
N PRO A 204 16.26 -36.30 12.20
CA PRO A 204 16.53 -35.51 13.37
C PRO A 204 17.07 -34.13 12.99
N LEU A 205 17.11 -33.24 13.94
CA LEU A 205 17.57 -31.91 13.64
C LEU A 205 19.02 -31.87 13.97
N ALA A 206 19.82 -31.46 13.00
CA ALA A 206 21.25 -31.43 13.23
C ALA A 206 21.91 -30.20 13.82
N GLU A 207 22.01 -29.18 12.99
CA GLU A 207 22.38 -27.84 13.40
C GLU A 207 21.60 -27.09 12.36
N GLY A 208 20.86 -26.09 12.80
CA GLY A 208 19.85 -25.42 11.99
C GLY A 208 18.78 -25.13 13.01
N LEU A 209 17.79 -24.34 12.65
CA LEU A 209 16.85 -23.82 13.63
C LEU A 209 15.69 -24.76 13.97
N GLY A 210 15.44 -24.93 15.25
CA GLY A 210 14.33 -25.73 15.76
C GLY A 210 12.92 -25.40 15.26
N GLY A 211 12.63 -24.12 15.01
CA GLY A 211 11.31 -23.70 14.62
C GLY A 211 10.84 -24.12 13.25
N PRO A 212 11.62 -23.80 12.21
CA PRO A 212 11.40 -24.37 10.88
C PRO A 212 11.36 -25.92 10.87
N TRP A 213 12.24 -26.55 11.63
CA TRP A 213 12.30 -28.00 11.66
C TRP A 213 11.07 -28.65 12.21
N VAL A 214 10.66 -28.23 13.38
CA VAL A 214 9.58 -28.87 14.05
C VAL A 214 8.31 -28.84 13.24
N GLN A 215 8.09 -27.78 12.50
CA GLN A 215 6.92 -27.72 11.67
C GLN A 215 6.98 -28.73 10.56
N ALA A 216 8.12 -28.82 9.91
CA ALA A 216 8.31 -29.76 8.80
C ALA A 216 8.20 -31.19 9.30
N ALA A 217 8.80 -31.51 10.46
CA ALA A 217 8.70 -32.91 10.99
C ALA A 217 7.30 -33.26 11.40
N TYR A 218 6.61 -32.30 12.01
CA TYR A 218 5.24 -32.44 12.39
C TYR A 218 4.42 -32.74 11.13
N LEU A 219 4.64 -31.98 10.05
CA LEU A 219 3.90 -32.22 8.79
C LEU A 219 4.27 -33.65 8.27
N ASN A 220 5.54 -34.00 8.36
CA ASN A 220 5.91 -35.37 7.91
C ASN A 220 5.17 -36.50 8.70
N ALA A 221 5.25 -36.41 10.02
CA ALA A 221 4.62 -37.37 10.90
C ALA A 221 3.13 -37.44 10.60
N LEU A 222 2.43 -36.31 10.49
CA LEU A 222 0.99 -36.43 10.22
C LEU A 222 0.63 -36.98 8.83
N VAL A 223 1.40 -36.63 7.80
CA VAL A 223 1.14 -37.20 6.45
C VAL A 223 1.48 -38.72 6.48
N ARG A 224 2.49 -39.13 7.23
CA ARG A 224 2.86 -40.57 7.25
C ARG A 224 1.82 -41.33 8.05
N ALA A 225 1.37 -40.76 9.16
CA ALA A 225 0.39 -41.48 9.96
C ALA A 225 -0.86 -41.65 9.12
N ALA A 226 -1.09 -40.75 8.20
CA ALA A 226 -2.27 -40.86 7.35
C ALA A 226 -2.11 -41.82 6.18
N GLY A 227 -0.90 -42.36 5.98
CA GLY A 227 -0.69 -43.19 4.82
C GLY A 227 -0.21 -42.51 3.55
N GLY A 228 0.06 -41.20 3.55
CA GLY A 228 0.55 -40.55 2.32
C GLY A 228 2.05 -40.29 2.28
N GLN A 229 2.49 -39.37 1.44
CA GLN A 229 3.94 -39.14 1.23
C GLN A 229 4.18 -37.67 0.95
N ILE A 230 5.35 -37.18 1.34
CA ILE A 230 5.81 -35.83 1.06
C ILE A 230 6.78 -35.89 -0.16
N ALA A 231 6.73 -34.89 -1.06
CA ALA A 231 7.76 -34.69 -2.09
C ALA A 231 8.10 -33.23 -2.16
N VAL A 232 9.33 -32.99 -2.59
CA VAL A 232 9.91 -31.67 -2.68
C VAL A 232 10.50 -31.57 -4.12
N GLU A 233 10.48 -30.36 -4.67
CA GLU A 233 11.21 -29.99 -5.90
C GLU A 233 12.03 -28.76 -5.53
N ILE A 234 13.22 -28.64 -6.09
CA ILE A 234 14.07 -27.50 -5.89
C ILE A 234 14.62 -27.15 -7.23
N GLY A 235 14.51 -25.87 -7.59
CA GLY A 235 15.11 -25.25 -8.79
C GLY A 235 15.71 -23.86 -8.50
N GLU A 236 16.12 -23.18 -9.53
CA GLU A 236 16.59 -21.81 -9.39
C GLU A 236 15.44 -20.83 -9.01
N ASP A 237 15.57 -20.12 -7.90
CA ASP A 237 14.47 -19.17 -7.47
C ASP A 237 13.13 -19.87 -7.34
N ARG A 238 13.14 -21.18 -7.07
CA ARG A 238 11.93 -21.89 -6.85
C ARG A 238 12.04 -23.10 -5.92
N ALA A 239 10.97 -23.38 -5.20
CA ALA A 239 10.87 -24.59 -4.40
C ALA A 239 9.41 -25.04 -4.37
N SER A 240 9.16 -26.33 -4.21
CA SER A 240 7.77 -26.69 -4.08
C SER A 240 7.68 -27.80 -3.09
N ILE A 241 6.59 -27.87 -2.36
CA ILE A 241 6.43 -28.87 -1.38
C ILE A 241 5.10 -29.49 -1.69
N ALA A 242 5.08 -30.82 -1.70
CA ALA A 242 3.90 -31.58 -2.09
C ALA A 242 3.59 -32.68 -1.10
N ALA A 243 2.31 -32.96 -0.97
CA ALA A 243 1.90 -34.08 -0.14
C ALA A 243 0.64 -34.63 -0.72
N TRP A 244 0.51 -35.94 -0.62
CA TRP A 244 -0.78 -36.54 -0.83
C TRP A 244 -1.17 -37.34 0.39
N VAL A 245 -2.46 -37.61 0.47
CA VAL A 245 -3.03 -38.30 1.58
C VAL A 245 -4.25 -39.03 1.00
N PRO A 246 -4.66 -40.20 1.56
CA PRO A 246 -5.91 -40.78 1.02
C PRO A 246 -7.13 -39.92 1.33
N ALA A 247 -8.10 -39.94 0.42
CA ALA A 247 -9.36 -39.25 0.61
C ALA A 247 -10.48 -39.96 -0.14
N VAL B 40 -19.92 11.10 -21.46
CA VAL B 40 -19.56 11.75 -20.16
C VAL B 40 -18.10 11.38 -19.86
N GLN B 41 -17.40 12.19 -19.06
CA GLN B 41 -15.91 12.18 -19.09
C GLN B 41 -15.19 11.66 -17.82
N GLY B 42 -14.14 10.88 -18.06
CA GLY B 42 -13.38 10.19 -17.00
C GLY B 42 -12.48 11.13 -16.22
N PRO B 43 -11.95 10.68 -15.08
CA PRO B 43 -11.14 11.53 -14.24
C PRO B 43 -9.67 11.51 -14.68
N ASP B 44 -9.44 11.97 -15.92
CA ASP B 44 -8.12 11.86 -16.53
C ASP B 44 -7.09 12.73 -15.81
N PHE B 45 -7.52 13.93 -15.42
CA PHE B 45 -6.67 14.88 -14.78
C PHE B 45 -6.30 14.35 -13.38
N ALA B 46 -7.27 13.87 -12.63
CA ALA B 46 -6.99 13.25 -11.31
C ALA B 46 -6.06 12.04 -11.35
N ALA B 47 -6.26 11.19 -12.35
CA ALA B 47 -5.40 10.00 -12.55
C ALA B 47 -3.99 10.45 -12.79
N MET B 48 -3.80 11.46 -13.64
CA MET B 48 -2.45 11.92 -13.91
C MET B 48 -1.77 12.46 -12.65
N LEU B 49 -2.52 13.16 -11.81
CA LEU B 49 -1.96 13.71 -10.59
C LEU B 49 -1.67 12.53 -9.64
N ALA B 50 -2.58 11.59 -9.58
CA ALA B 50 -2.29 10.34 -8.83
C ALA B 50 -1.00 9.58 -9.29
N ALA B 51 -0.90 9.35 -10.60
CA ALA B 51 0.34 8.77 -11.18
C ALA B 51 1.58 9.53 -10.76
N ARG B 52 1.47 10.84 -10.73
CA ARG B 52 2.60 11.67 -10.33
C ARG B 52 2.96 11.50 -8.85
N LEU B 53 1.97 11.54 -7.96
CA LEU B 53 2.22 11.25 -6.55
C LEU B 53 2.82 9.88 -6.37
N CYS B 54 2.30 8.89 -7.09
CA CYS B 54 2.86 7.52 -6.97
C CYS B 54 4.30 7.45 -7.43
N HIS B 55 4.60 8.09 -8.57
CA HIS B 55 5.99 8.04 -9.08
C HIS B 55 6.92 8.62 -8.03
N ASP B 56 6.55 9.76 -7.49
CA ASP B 56 7.40 10.42 -6.55
C ASP B 56 7.63 9.64 -5.23
N PHE B 57 6.56 9.06 -4.67
CA PHE B 57 6.63 8.27 -3.45
C PHE B 57 7.40 6.96 -3.62
N ILE B 58 7.22 6.34 -4.77
CA ILE B 58 7.87 5.09 -5.02
C ILE B 58 9.39 5.12 -4.91
N SER B 59 10.12 6.18 -5.36
CA SER B 59 11.58 6.13 -5.25
C SER B 59 12.00 5.90 -3.81
N PRO B 60 11.68 6.83 -2.91
CA PRO B 60 12.23 6.54 -1.58
C PRO B 60 11.59 5.26 -0.91
N ALA B 61 10.31 5.01 -1.16
CA ALA B 61 9.69 3.77 -0.58
C ALA B 61 10.47 2.54 -1.03
N SER B 62 10.87 2.53 -2.30
CA SER B 62 11.70 1.43 -2.80
C SER B 62 13.06 1.35 -2.15
N ALA B 63 13.62 2.51 -1.89
CA ALA B 63 14.94 2.60 -1.35
C ALA B 63 14.88 1.98 -0.01
N ILE B 64 13.76 2.15 0.65
CA ILE B 64 13.64 1.65 1.99
C ILE B 64 13.59 0.15 1.96
N VAL B 65 12.72 -0.38 1.13
CA VAL B 65 12.68 -1.80 1.03
C VAL B 65 14.09 -2.27 0.77
N SER B 66 14.77 -1.58 -0.12
CA SER B 66 16.09 -2.01 -0.53
C SER B 66 17.08 -1.97 0.60
N GLY B 67 17.07 -0.92 1.38
CA GLY B 67 17.92 -0.88 2.53
C GLY B 67 17.68 -2.05 3.45
N LEU B 68 16.43 -2.45 3.61
CA LEU B 68 16.07 -3.53 4.52
C LEU B 68 16.61 -4.81 3.99
N ASP B 69 16.41 -5.03 2.69
CA ASP B 69 16.99 -6.19 2.03
C ASP B 69 18.48 -6.42 2.29
N LEU B 70 19.25 -5.33 2.34
CA LEU B 70 20.68 -5.38 2.65
C LEU B 70 20.98 -5.68 4.09
N LEU B 71 20.29 -5.01 4.99
CA LEU B 71 20.40 -5.24 6.44
C LEU B 71 20.24 -6.73 6.78
N GLU B 72 19.36 -7.42 6.07
CA GLU B 72 19.13 -8.84 6.30
C GLU B 72 20.18 -9.70 5.59
N ASP B 73 20.52 -9.31 4.37
CA ASP B 73 21.51 -10.04 3.59
C ASP B 73 22.63 -10.17 4.61
N PRO B 74 23.07 -11.41 4.81
CA PRO B 74 24.13 -11.69 5.78
C PRO B 74 25.42 -11.64 5.01
N SER B 75 25.29 -11.34 3.72
CA SER B 75 26.46 -11.26 2.87
C SER B 75 27.59 -10.34 3.31
N ALA B 76 27.25 -9.09 3.58
CA ALA B 76 28.27 -8.11 3.94
C ALA B 76 27.72 -7.13 4.97
N GLN B 77 27.91 -7.46 6.24
CA GLN B 77 27.42 -6.62 7.33
C GLN B 77 28.36 -5.47 7.58
N ASP B 78 29.32 -5.29 6.69
CA ASP B 78 30.14 -4.04 6.71
C ASP B 78 29.28 -2.89 6.16
N MET B 79 28.24 -3.30 5.43
CA MET B 79 27.17 -2.42 4.97
C MET B 79 25.94 -2.60 5.87
N ARG B 80 26.17 -2.82 7.16
CA ARG B 80 25.09 -2.75 8.12
C ARG B 80 24.86 -1.27 8.34
N ASP B 81 25.96 -0.54 8.33
CA ASP B 81 25.92 0.79 8.85
C ASP B 81 25.29 1.75 7.85
N ASP B 82 25.57 1.48 6.59
CA ASP B 82 25.16 2.36 5.50
C ASP B 82 23.71 2.16 5.18
N ALA B 83 23.29 0.89 5.21
CA ALA B 83 21.93 0.46 4.87
C ALA B 83 20.96 1.23 5.74
N MET B 84 21.19 1.15 7.06
CA MET B 84 20.52 2.01 8.02
C MET B 84 20.41 3.43 7.48
N ASN B 85 21.55 4.04 7.20
CA ASN B 85 21.48 5.42 6.72
C ASN B 85 20.65 5.66 5.48
N LEU B 86 20.65 4.68 4.58
CA LEU B 86 19.79 4.66 3.39
C LEU B 86 18.29 4.56 3.76
N ILE B 87 18.00 3.74 4.77
CA ILE B 87 16.63 3.58 5.22
C ILE B 87 16.24 4.87 5.88
N ALA B 88 17.10 5.38 6.74
CA ALA B 88 16.79 6.58 7.50
C ALA B 88 16.64 7.77 6.53
N SER B 89 17.39 7.69 5.47
CA SER B 89 17.54 8.80 4.62
C SER B 89 16.30 8.85 3.70
N SER B 90 16.03 7.73 3.02
CA SER B 90 14.83 7.66 2.21
C SER B 90 13.55 7.87 3.03
N ALA B 91 13.53 7.47 4.30
CA ALA B 91 12.28 7.61 5.07
C ALA B 91 12.02 9.04 5.44
N ARG B 92 13.09 9.77 5.74
CA ARG B 92 12.95 11.21 6.02
C ARG B 92 12.48 11.89 4.70
N LYS B 93 12.96 11.40 3.58
CA LYS B 93 12.59 11.96 2.29
C LYS B 93 11.06 11.83 2.10
N LEU B 94 10.60 10.60 2.26
CA LEU B 94 9.24 10.24 2.01
C LEU B 94 8.30 11.04 2.89
N ALA B 95 8.61 11.16 4.17
CA ALA B 95 7.72 11.91 5.07
C ALA B 95 7.74 13.39 4.71
N ASP B 96 8.94 13.93 4.42
CA ASP B 96 9.09 15.28 3.84
C ASP B 96 8.19 15.49 2.60
N LEU B 97 8.26 14.60 1.61
CA LEU B 97 7.43 14.72 0.40
C LEU B 97 5.94 14.66 0.74
N LEU B 98 5.56 13.73 1.62
CA LEU B 98 4.14 13.63 1.99
C LEU B 98 3.57 14.87 2.70
N GLN B 99 4.36 15.46 3.61
CA GLN B 99 3.89 16.62 4.37
C GLN B 99 3.77 17.82 3.40
N PHE B 100 4.72 17.90 2.48
CA PHE B 100 4.66 18.91 1.47
C PHE B 100 3.40 18.66 0.64
N THR B 101 3.20 17.45 0.16
CA THR B 101 2.11 17.15 -0.74
C THR B 101 0.74 17.38 -0.15
N ARG B 102 0.58 17.14 1.13
CA ARG B 102 -0.71 17.28 1.76
C ARG B 102 -1.31 18.63 1.51
N VAL B 103 -0.47 19.64 1.57
CA VAL B 103 -0.90 21.01 1.46
C VAL B 103 -0.76 21.57 0.07
N ALA B 104 0.34 21.23 -0.59
CA ALA B 104 0.58 21.73 -1.97
C ALA B 104 -0.53 21.23 -2.91
N PHE B 105 -0.88 19.98 -2.79
CA PHE B 105 -1.92 19.43 -3.64
C PHE B 105 -3.21 19.06 -2.89
N GLY B 106 -3.11 18.76 -1.60
CA GLY B 106 -4.21 18.07 -0.96
C GLY B 106 -5.22 18.99 -0.33
N ALA B 107 -4.99 20.28 -0.43
CA ALA B 107 -5.82 21.18 0.36
C ALA B 107 -7.28 21.19 -0.16
N SER B 108 -8.16 21.91 0.54
CA SER B 108 -9.54 22.26 0.06
C SER B 108 -9.57 23.67 -0.56
N ALA B 109 -10.60 24.00 -1.33
CA ALA B 109 -10.88 25.46 -1.64
C ALA B 109 -11.58 26.24 -0.47
N SER B 110 -11.90 25.54 0.63
CA SER B 110 -12.53 26.20 1.79
C SER B 110 -11.54 27.20 2.45
N ALA B 111 -12.04 28.38 2.86
CA ALA B 111 -11.17 29.40 3.43
C ALA B 111 -10.54 28.88 4.69
N GLU B 112 -9.27 29.22 4.86
CA GLU B 112 -8.46 28.82 6.02
C GLU B 112 -7.18 29.58 5.83
N ASN B 113 -6.41 29.74 6.89
CA ASN B 113 -5.18 30.52 6.79
C ASN B 113 -4.03 29.68 7.25
N PHE B 114 -2.84 29.96 6.73
CA PHE B 114 -1.63 29.18 7.06
C PHE B 114 -0.56 30.10 7.50
N ASP B 115 0.37 29.54 8.26
CA ASP B 115 1.43 30.28 8.89
C ASP B 115 2.63 30.17 7.97
N SER B 116 2.96 31.32 7.34
CA SER B 116 4.14 31.44 6.48
C SER B 116 5.40 30.69 6.94
N ARG B 117 5.72 30.64 8.24
CA ARG B 117 6.94 29.89 8.65
C ARG B 117 6.77 28.37 8.52
N GLU B 118 5.53 27.90 8.73
CA GLU B 118 5.28 26.46 8.59
C GLU B 118 5.33 26.11 7.11
N LEU B 119 4.77 27.00 6.27
CA LEU B 119 4.86 26.82 4.81
C LEU B 119 6.31 26.78 4.40
N GLU B 120 7.14 27.56 5.12
CA GLU B 120 8.59 27.55 4.83
C GLU B 120 9.15 26.17 5.06
N LYS B 121 8.78 25.52 6.19
CA LYS B 121 9.35 24.22 6.53
C LYS B 121 8.92 23.17 5.52
N LEU B 122 7.64 23.19 5.16
CA LEU B 122 7.20 22.34 4.01
C LEU B 122 8.13 22.44 2.77
N ALA B 123 8.41 23.65 2.26
CA ALA B 123 9.29 23.75 1.07
C ALA B 123 10.69 23.32 1.40
N GLN B 124 11.20 23.86 2.53
CA GLN B 124 12.51 23.51 3.02
C GLN B 124 12.66 21.99 3.06
N GLY B 125 11.65 21.31 3.59
CA GLY B 125 11.63 19.84 3.56
C GLY B 125 11.87 19.21 2.19
N VAL B 126 11.34 19.79 1.11
CA VAL B 126 11.55 19.25 -0.24
C VAL B 126 12.90 19.70 -0.81
N PHE B 127 13.27 20.95 -0.57
CA PHE B 127 14.63 21.39 -0.94
C PHE B 127 15.73 20.57 -0.27
N ALA B 128 15.41 19.98 0.89
CA ALA B 128 16.40 19.18 1.61
C ALA B 128 16.95 18.00 0.78
N HIS B 129 16.15 17.41 -0.09
CA HIS B 129 16.60 16.20 -0.78
C HIS B 129 17.03 16.47 -2.18
N VAL B 130 17.21 17.77 -2.46
CA VAL B 130 17.73 18.23 -3.75
C VAL B 130 18.85 19.24 -3.59
N ARG B 131 19.61 19.37 -4.68
CA ARG B 131 20.77 20.26 -4.77
C ARG B 131 20.41 21.74 -4.47
N PRO B 132 19.36 22.28 -5.12
CA PRO B 132 19.19 23.72 -4.94
C PRO B 132 18.74 24.16 -3.54
N THR B 133 18.85 25.44 -3.29
CA THR B 133 18.67 26.00 -1.97
C THR B 133 17.47 26.90 -1.97
N LEU B 134 16.94 27.14 -0.80
CA LEU B 134 15.72 27.89 -0.75
C LEU B 134 15.98 29.15 0.04
N ASP B 135 15.92 30.29 -0.63
CA ASP B 135 15.88 31.47 0.17
C ASP B 135 14.46 31.99 0.29
N TRP B 136 13.95 31.87 1.50
CA TRP B 136 12.59 32.18 1.77
C TRP B 136 12.54 33.59 2.42
N GLN B 137 12.11 34.57 1.62
CA GLN B 137 12.15 35.97 2.00
C GLN B 137 10.77 36.40 2.36
N ILE B 138 9.96 35.49 2.89
CA ILE B 138 8.60 35.89 3.19
C ILE B 138 8.51 36.29 4.65
N GLU B 139 7.63 37.26 4.91
CA GLU B 139 7.57 37.83 6.25
C GLU B 139 6.35 37.24 6.99
N PRO B 140 6.60 36.70 8.23
CA PRO B 140 5.66 35.99 9.12
C PRO B 140 4.23 36.55 9.12
N GLN B 141 3.32 35.82 8.44
CA GLN B 141 1.93 36.24 8.35
C GLN B 141 0.98 35.08 8.06
N ALA B 142 -0.28 35.33 8.36
CA ALA B 142 -1.39 34.53 7.90
C ALA B 142 -1.43 34.63 6.35
N MET B 143 -1.24 33.52 5.64
CA MET B 143 -1.45 33.52 4.20
C MET B 143 -2.69 32.74 3.95
N ASN B 144 -3.54 33.23 3.06
CA ASN B 144 -4.75 32.51 2.77
C ASN B 144 -4.50 31.22 1.95
N LYS B 145 -5.56 30.49 1.65
CA LYS B 145 -5.47 29.15 1.13
C LYS B 145 -4.84 29.15 -0.31
N PRO B 146 -5.34 30.02 -1.20
CA PRO B 146 -4.84 29.93 -2.58
C PRO B 146 -3.38 30.31 -2.59
N SER B 147 -3.04 31.26 -1.73
CA SER B 147 -1.70 31.80 -1.66
C SER B 147 -0.78 30.72 -1.20
N SER B 148 -1.25 29.97 -0.22
CA SER B 148 -0.42 28.96 0.38
C SER B 148 -0.25 27.80 -0.57
N ARG B 149 -1.32 27.37 -1.26
CA ARG B 149 -1.13 26.33 -2.25
C ARG B 149 -0.15 26.80 -3.36
N ALA B 150 -0.32 28.04 -3.83
CA ALA B 150 0.53 28.56 -4.89
C ALA B 150 2.02 28.55 -4.51
N VAL B 151 2.31 29.05 -3.31
CA VAL B 151 3.65 29.30 -2.94
C VAL B 151 4.48 28.03 -2.93
N LEU B 152 3.86 26.92 -2.52
CA LEU B 152 4.55 25.63 -2.45
C LEU B 152 4.81 25.00 -3.80
N ASN B 153 3.79 25.03 -4.66
CA ASN B 153 3.93 24.49 -5.99
C ASN B 153 4.94 25.31 -6.73
N ILE B 154 4.85 26.64 -6.60
CA ILE B 154 5.82 27.52 -7.29
C ILE B 154 7.23 27.09 -6.83
N ALA B 155 7.40 26.90 -5.52
CA ALA B 155 8.76 26.69 -4.98
C ALA B 155 9.39 25.42 -5.49
N GLN B 156 8.58 24.37 -5.66
CA GLN B 156 9.12 23.09 -6.14
C GLN B 156 9.34 23.19 -7.63
N ILE B 157 8.41 23.82 -8.34
CA ILE B 157 8.67 24.08 -9.76
C ILE B 157 9.97 24.91 -9.85
N ALA B 158 10.12 25.95 -9.04
CA ALA B 158 11.42 26.67 -9.02
C ALA B 158 12.58 25.69 -8.84
N ALA B 159 12.35 24.63 -8.07
CA ALA B 159 13.41 23.69 -7.74
C ALA B 159 13.67 22.70 -8.87
N SER B 160 12.62 22.29 -9.57
CA SER B 160 12.84 21.31 -10.65
C SER B 160 13.29 21.99 -11.93
N ALA B 161 13.56 23.27 -11.85
CA ALA B 161 14.04 23.97 -13.00
C ALA B 161 15.54 23.97 -13.00
N LEU B 162 16.13 23.59 -11.88
CA LEU B 162 17.58 23.55 -11.75
C LEU B 162 18.07 22.12 -11.47
N PRO B 163 18.65 21.49 -12.49
CA PRO B 163 19.17 20.13 -12.34
C PRO B 163 20.66 20.11 -12.05
N ALA B 164 21.18 21.22 -11.53
CA ALA B 164 22.59 21.33 -11.21
C ALA B 164 22.84 22.35 -10.11
N GLY B 165 21.79 22.62 -9.32
CA GLY B 165 21.90 23.58 -8.24
C GLY B 165 21.27 24.92 -8.57
N GLY B 166 21.46 25.86 -7.68
CA GLY B 166 20.95 27.19 -7.84
C GLY B 166 20.11 27.55 -6.66
N VAL B 167 19.98 28.84 -6.40
CA VAL B 167 19.18 29.30 -5.32
C VAL B 167 17.79 29.63 -5.79
N ALA B 168 16.79 29.10 -5.13
CA ALA B 168 15.46 29.52 -5.41
C ALA B 168 15.10 30.54 -4.38
N THR B 169 14.82 31.75 -4.83
CA THR B 169 14.46 32.78 -3.90
C THR B 169 12.99 32.99 -3.99
N VAL B 170 12.32 32.98 -2.85
CA VAL B 170 10.88 33.05 -2.87
C VAL B 170 10.48 34.29 -2.14
N LYS B 171 9.72 35.17 -2.80
CA LYS B 171 9.28 36.35 -2.12
C LYS B 171 7.81 36.32 -2.27
N GLY B 172 7.12 36.97 -1.34
CA GLY B 172 5.71 37.25 -1.57
C GLY B 172 5.28 38.39 -0.70
N VAL B 173 4.23 39.10 -1.10
CA VAL B 173 3.88 40.40 -0.51
C VAL B 173 2.35 40.62 -0.37
N ALA B 174 1.88 41.17 0.75
CA ALA B 174 0.43 41.50 0.91
C ALA B 174 -0.09 42.93 0.54
N ALA B 175 0.27 43.44 -0.63
CA ALA B 175 -0.09 44.81 -1.02
C ALA B 175 -1.31 44.89 -1.94
N ASP B 176 -1.85 46.11 -2.03
CA ASP B 176 -2.92 46.52 -2.98
C ASP B 176 -4.07 45.51 -3.26
N GLY B 177 -4.67 45.07 -2.17
CA GLY B 177 -5.83 44.17 -2.18
C GLY B 177 -5.57 42.74 -2.69
N ARG B 178 -4.29 42.39 -2.86
CA ARG B 178 -3.90 41.10 -3.43
C ARG B 178 -2.66 40.48 -2.74
N PHE B 179 -2.30 39.21 -3.05
CA PHE B 179 -1.06 38.61 -2.49
C PHE B 179 -0.16 38.10 -3.60
N SER B 180 1.11 38.51 -3.59
CA SER B 180 1.95 38.38 -4.79
C SER B 180 3.24 37.71 -4.52
N ILE B 181 3.47 36.59 -5.22
CA ILE B 181 4.62 35.74 -4.99
C ILE B 181 5.41 35.63 -6.25
N ILE B 182 6.72 35.65 -6.10
CA ILE B 182 7.61 35.28 -7.19
C ILE B 182 8.69 34.41 -6.66
N ALA B 183 9.14 33.44 -7.44
CA ALA B 183 10.33 32.67 -7.11
C ALA B 183 11.28 32.76 -8.26
N ASP B 184 12.56 33.06 -7.99
CA ASP B 184 13.63 33.10 -9.03
C ASP B 184 14.55 31.94 -8.90
N ALA B 185 14.85 31.29 -10.01
CA ALA B 185 15.69 30.13 -9.98
C ALA B 185 17.04 30.38 -10.67
N LYS B 186 17.97 31.08 -10.00
CA LYS B 186 19.31 31.32 -10.59
C LYS B 186 20.18 30.05 -10.55
N GLY B 187 20.66 29.55 -11.69
CA GLY B 187 21.57 28.38 -11.66
C GLY B 187 21.74 27.68 -13.00
N PRO B 188 22.87 26.96 -13.21
CA PRO B 188 23.31 26.44 -14.55
C PRO B 188 22.35 25.65 -15.46
N ARG B 189 22.33 25.91 -16.77
CA ARG B 189 21.42 25.21 -17.71
C ARG B 189 19.96 25.19 -17.20
N ALA B 190 19.58 26.21 -16.43
CA ALA B 190 18.26 26.33 -15.79
C ALA B 190 17.19 26.52 -16.82
N ARG B 191 16.06 25.83 -16.64
CA ARG B 191 15.11 25.65 -17.73
C ARG B 191 13.72 25.18 -17.23
N LEU B 192 12.73 26.02 -17.45
CA LEU B 192 11.34 25.63 -17.42
C LEU B 192 11.01 24.79 -18.63
N ARG B 193 10.79 23.48 -18.46
CA ARG B 193 10.53 22.58 -19.61
C ARG B 193 9.25 22.95 -20.32
N PRO B 194 9.11 22.52 -21.60
CA PRO B 194 7.90 22.97 -22.33
C PRO B 194 6.59 22.46 -21.71
N GLU B 195 6.62 21.26 -21.08
CA GLU B 195 5.41 20.68 -20.43
C GLU B 195 4.91 21.61 -19.38
N VAL B 196 5.87 22.18 -18.65
CA VAL B 196 5.63 22.98 -17.49
C VAL B 196 5.04 24.29 -17.95
N LEU B 197 5.62 24.87 -19.01
CA LEU B 197 5.10 26.13 -19.57
C LEU B 197 3.70 25.93 -20.17
N ALA B 198 3.47 24.83 -20.87
CA ALA B 198 2.14 24.62 -21.32
C ALA B 198 1.16 24.52 -20.11
N GLY B 199 1.58 23.87 -19.03
CA GLY B 199 0.68 23.68 -17.90
C GLY B 199 0.37 24.99 -17.21
N LEU B 200 1.39 25.81 -17.05
CA LEU B 200 1.22 27.13 -16.50
C LEU B 200 0.25 27.96 -17.35
N LYS B 201 0.14 27.69 -18.64
CA LYS B 201 -0.94 28.34 -19.46
C LYS B 201 -2.28 27.65 -19.38
N GLY B 202 -2.39 26.50 -18.72
CA GLY B 202 -3.64 25.77 -18.73
C GLY B 202 -3.87 25.12 -20.07
N GLU B 203 -2.77 24.84 -20.77
CA GLU B 203 -2.82 24.20 -22.08
C GLU B 203 -2.61 22.67 -22.06
N PRO B 204 -3.22 21.99 -22.98
CA PRO B 204 -3.27 20.55 -22.89
C PRO B 204 -1.91 19.97 -23.00
N LEU B 205 -1.82 18.67 -22.81
CA LEU B 205 -0.59 17.95 -23.00
C LEU B 205 -0.83 17.10 -24.21
N ALA B 206 0.08 17.12 -25.16
CA ALA B 206 -0.10 16.29 -26.34
C ALA B 206 0.91 15.17 -26.34
N GLU B 207 2.05 15.43 -25.75
CA GLU B 207 3.05 14.44 -25.51
C GLU B 207 4.11 15.13 -24.70
N GLY B 208 4.94 14.37 -24.04
CA GLY B 208 5.92 14.95 -23.14
C GLY B 208 5.60 14.44 -21.76
N LEU B 209 6.41 14.79 -20.78
CA LEU B 209 6.20 14.23 -19.41
C LEU B 209 4.96 14.74 -18.63
N GLY B 210 4.05 13.79 -18.34
CA GLY B 210 2.79 14.02 -17.60
C GLY B 210 2.91 14.65 -16.20
N GLY B 211 3.93 14.24 -15.47
CA GLY B 211 4.06 14.67 -14.09
C GLY B 211 4.49 16.13 -13.95
N PRO B 212 5.51 16.56 -14.73
CA PRO B 212 5.74 18.01 -14.61
C PRO B 212 4.53 18.87 -15.08
N TRP B 213 3.85 18.45 -16.15
CA TRP B 213 2.61 19.08 -16.65
C TRP B 213 1.48 19.20 -15.63
N VAL B 214 1.04 18.11 -14.97
CA VAL B 214 -0.12 18.24 -14.06
C VAL B 214 0.14 19.20 -12.92
N GLN B 215 1.33 19.15 -12.32
CA GLN B 215 1.62 20.08 -11.25
C GLN B 215 1.41 21.53 -11.75
N ALA B 216 1.98 21.90 -12.90
CA ALA B 216 1.83 23.25 -13.43
C ALA B 216 0.36 23.55 -13.84
N ALA B 217 -0.31 22.63 -14.53
CA ALA B 217 -1.75 22.84 -14.82
C ALA B 217 -2.53 22.98 -13.50
N TYR B 218 -2.12 22.24 -12.48
CA TYR B 218 -2.82 22.35 -11.20
C TYR B 218 -2.65 23.77 -10.66
N LEU B 219 -1.41 24.21 -10.58
CA LEU B 219 -1.19 25.56 -10.17
C LEU B 219 -1.99 26.58 -11.00
N ASN B 220 -2.00 26.44 -12.32
CA ASN B 220 -2.76 27.33 -13.18
C ASN B 220 -4.20 27.37 -12.73
N ALA B 221 -4.78 26.18 -12.53
CA ALA B 221 -6.21 26.08 -12.31
C ALA B 221 -6.60 26.69 -10.98
N LEU B 222 -5.77 26.49 -9.95
CA LEU B 222 -6.13 27.01 -8.64
C LEU B 222 -6.03 28.52 -8.67
N VAL B 223 -4.99 29.02 -9.34
CA VAL B 223 -4.83 30.47 -9.53
C VAL B 223 -5.98 31.08 -10.36
N ARG B 224 -6.33 30.54 -11.53
CA ARG B 224 -7.51 31.09 -12.27
C ARG B 224 -8.79 31.06 -11.38
N ALA B 225 -8.97 29.96 -10.62
CA ALA B 225 -10.09 29.78 -9.72
C ALA B 225 -10.11 30.88 -8.67
N ALA B 226 -8.96 31.20 -8.08
CA ALA B 226 -8.91 32.26 -7.06
C ALA B 226 -8.97 33.69 -7.68
N GLY B 227 -9.14 33.77 -9.00
CA GLY B 227 -9.18 35.06 -9.70
C GLY B 227 -7.83 35.77 -9.91
N GLY B 228 -6.71 35.04 -9.72
CA GLY B 228 -5.37 35.61 -9.93
C GLY B 228 -4.78 35.32 -11.32
N GLN B 229 -3.45 35.49 -11.43
CA GLN B 229 -2.70 35.32 -12.68
C GLN B 229 -1.28 34.72 -12.51
N ILE B 230 -0.80 34.01 -13.53
CA ILE B 230 0.56 33.46 -13.52
C ILE B 230 1.48 34.18 -14.53
N ALA B 231 2.68 34.52 -14.10
CA ALA B 231 3.72 35.00 -15.00
C ALA B 231 5.04 34.30 -14.80
N VAL B 232 5.77 34.27 -15.92
CA VAL B 232 7.05 33.61 -16.07
C VAL B 232 8.07 34.63 -16.67
N GLU B 233 9.31 34.51 -16.22
CA GLU B 233 10.44 35.18 -16.83
C GLU B 233 11.45 34.09 -17.14
N ILE B 234 12.04 34.14 -18.34
CA ILE B 234 13.12 33.25 -18.71
C ILE B 234 14.35 34.09 -19.15
N GLY B 235 15.52 33.83 -18.56
CA GLY B 235 16.80 34.41 -18.97
C GLY B 235 17.89 33.33 -19.05
N GLU B 236 19.11 33.74 -19.38
CA GLU B 236 20.32 32.87 -19.33
C GLU B 236 20.54 32.21 -17.95
N ASP B 237 20.51 30.88 -17.88
CA ASP B 237 20.72 30.20 -16.57
C ASP B 237 19.83 30.79 -15.52
N ARG B 238 18.60 31.13 -15.90
CA ARG B 238 17.68 31.85 -15.05
C ARG B 238 16.24 31.46 -15.47
N ALA B 239 15.31 31.48 -14.50
CA ALA B 239 13.87 31.26 -14.77
C ALA B 239 13.08 31.64 -13.57
N SER B 240 11.92 32.24 -13.74
CA SER B 240 11.11 32.55 -12.56
C SER B 240 9.61 32.43 -12.78
N ILE B 241 8.91 32.10 -11.69
CA ILE B 241 7.50 31.85 -11.72
C ILE B 241 6.81 32.76 -10.71
N ALA B 242 5.75 33.38 -11.14
CA ALA B 242 5.07 34.37 -10.32
C ALA B 242 3.60 34.05 -10.27
N ALA B 243 2.95 34.46 -9.22
CA ALA B 243 1.49 34.45 -9.26
C ALA B 243 1.04 35.47 -8.30
N TRP B 244 -0.18 35.94 -8.51
CA TRP B 244 -0.82 36.67 -7.46
C TRP B 244 -2.23 36.18 -7.34
N VAL B 245 -2.79 36.42 -6.18
CA VAL B 245 -4.11 35.96 -5.88
C VAL B 245 -4.78 37.04 -5.01
N PRO B 246 -6.11 37.16 -5.08
CA PRO B 246 -6.75 38.18 -4.20
C PRO B 246 -6.45 37.86 -2.73
N ALA B 247 -6.64 38.81 -1.81
CA ALA B 247 -6.34 38.48 -0.40
C ALA B 247 -7.53 38.57 0.60
N VAL C 40 -14.79 16.93 -11.94
CA VAL C 40 -13.91 15.70 -11.98
C VAL C 40 -12.61 16.05 -12.66
N GLN C 41 -12.70 16.91 -13.67
CA GLN C 41 -11.52 17.57 -14.20
C GLN C 41 -10.98 18.79 -13.42
N GLY C 42 -11.80 19.37 -12.57
CA GLY C 42 -11.36 20.55 -11.84
C GLY C 42 -10.30 20.26 -10.75
N PRO C 43 -9.60 21.36 -10.29
CA PRO C 43 -8.54 21.28 -9.30
C PRO C 43 -9.11 20.67 -8.01
N ASP C 44 -10.41 20.87 -7.76
CA ASP C 44 -10.96 20.51 -6.44
C ASP C 44 -11.11 19.01 -6.30
N PHE C 45 -11.55 18.35 -7.36
CA PHE C 45 -11.56 16.92 -7.41
C PHE C 45 -10.13 16.35 -7.23
N ALA C 46 -9.20 16.83 -8.03
CA ALA C 46 -7.88 16.30 -7.97
C ALA C 46 -7.28 16.49 -6.58
N ALA C 47 -7.61 17.61 -5.97
CA ALA C 47 -7.02 17.95 -4.69
C ALA C 47 -7.54 16.96 -3.69
N MET C 48 -8.80 16.60 -3.75
CA MET C 48 -9.37 15.67 -2.77
C MET C 48 -8.77 14.28 -2.95
N LEU C 49 -8.46 13.94 -4.22
CA LEU C 49 -7.80 12.67 -4.45
C LEU C 49 -6.38 12.68 -3.90
N ALA C 50 -5.65 13.75 -4.12
CA ALA C 50 -4.32 13.86 -3.55
C ALA C 50 -4.38 13.79 -2.03
N ALA C 51 -5.36 14.47 -1.40
CA ALA C 51 -5.49 14.42 0.07
C ALA C 51 -5.74 12.96 0.58
N ARG C 52 -6.60 12.24 -0.13
CA ARG C 52 -6.85 10.84 0.17
C ARG C 52 -5.57 9.93 0.08
N LEU C 53 -4.83 10.04 -1.03
CA LEU C 53 -3.53 9.38 -1.19
C LEU C 53 -2.58 9.77 -0.07
N CYS C 54 -2.43 11.05 0.20
CA CYS C 54 -1.52 11.42 1.28
C CYS C 54 -1.97 10.83 2.60
N HIS C 55 -3.28 10.86 2.88
CA HIS C 55 -3.75 10.39 4.17
C HIS C 55 -3.38 8.89 4.32
N ASP C 56 -3.53 8.11 3.25
CA ASP C 56 -3.32 6.67 3.25
C ASP C 56 -1.83 6.35 3.41
N PHE C 57 -0.94 7.10 2.75
CA PHE C 57 0.51 6.85 2.86
C PHE C 57 1.19 7.42 4.09
N ILE C 58 0.61 8.46 4.69
CA ILE C 58 1.28 9.11 5.80
C ILE C 58 1.40 8.18 7.04
N SER C 59 0.39 7.38 7.30
CA SER C 59 0.46 6.49 8.45
C SER C 59 1.68 5.58 8.39
N PRO C 60 1.84 4.78 7.32
CA PRO C 60 3.00 3.89 7.40
C PRO C 60 4.34 4.62 7.38
N ALA C 61 4.37 5.74 6.65
CA ALA C 61 5.57 6.56 6.51
C ALA C 61 5.95 7.18 7.83
N SER C 62 5.01 7.73 8.57
CA SER C 62 5.29 8.23 9.91
C SER C 62 5.76 7.11 10.86
N ALA C 63 5.15 5.92 10.77
CA ALA C 63 5.58 4.78 11.61
C ALA C 63 7.06 4.44 11.38
N ILE C 64 7.52 4.55 10.13
CA ILE C 64 8.91 4.24 9.83
C ILE C 64 9.81 5.22 10.57
N VAL C 65 9.45 6.51 10.53
CA VAL C 65 10.28 7.45 11.23
C VAL C 65 10.13 7.33 12.72
N SER C 66 8.92 7.10 13.22
CA SER C 66 8.77 6.85 14.66
C SER C 66 9.68 5.70 15.09
N GLY C 67 9.68 4.64 14.30
CA GLY C 67 10.56 3.50 14.51
C GLY C 67 12.03 3.83 14.54
N LEU C 68 12.48 4.65 13.60
CA LEU C 68 13.89 5.06 13.56
C LEU C 68 14.26 5.88 14.80
N ASP C 69 13.36 6.76 15.23
CA ASP C 69 13.55 7.60 16.40
C ASP C 69 13.73 6.70 17.59
N LEU C 70 12.89 5.68 17.73
CA LEU C 70 13.10 4.66 18.75
C LEU C 70 14.48 3.95 18.74
N LEU C 71 14.93 3.45 17.61
CA LEU C 71 16.28 2.81 17.55
C LEU C 71 17.44 3.70 18.01
N GLU C 72 17.17 5.00 17.95
CA GLU C 72 18.14 6.07 18.24
C GLU C 72 18.09 6.57 19.67
N ASP C 73 16.93 6.44 20.31
CA ASP C 73 16.76 6.81 21.68
C ASP C 73 17.41 5.73 22.57
N PRO C 74 18.47 6.10 23.33
CA PRO C 74 19.14 5.25 24.34
C PRO C 74 18.22 4.87 25.52
N SER C 75 17.17 5.65 25.71
CA SER C 75 16.14 5.33 26.70
C SER C 75 15.11 4.28 26.19
N ALA C 76 15.15 3.91 24.91
CA ALA C 76 14.03 3.09 24.33
C ALA C 76 14.47 1.70 23.88
N GLN C 77 15.66 1.30 24.32
CA GLN C 77 16.29 0.09 23.83
C GLN C 77 15.53 -1.18 24.26
N ASP C 78 14.65 -1.12 25.28
CA ASP C 78 13.75 -2.29 25.53
C ASP C 78 12.78 -2.60 24.36
N MET C 79 12.56 -1.62 23.47
CA MET C 79 11.66 -1.76 22.29
C MET C 79 12.37 -1.87 20.96
N ARG C 80 13.66 -2.18 20.99
CA ARG C 80 14.45 -2.21 19.77
C ARG C 80 13.90 -3.17 18.73
N ASP C 81 13.48 -4.34 19.19
CA ASP C 81 12.92 -5.34 18.30
C ASP C 81 11.60 -4.89 17.64
N ASP C 82 10.66 -4.39 18.44
CA ASP C 82 9.38 -4.00 17.89
C ASP C 82 9.48 -2.77 16.97
N ALA C 83 10.40 -1.89 17.29
CA ALA C 83 10.68 -0.72 16.42
C ALA C 83 11.19 -1.16 15.08
N MET C 84 12.14 -2.09 15.08
CA MET C 84 12.66 -2.64 13.84
C MET C 84 11.59 -3.40 13.03
N ASN C 85 10.76 -4.24 13.68
CA ASN C 85 9.64 -4.90 12.99
C ASN C 85 8.63 -3.91 12.42
N LEU C 86 8.45 -2.81 13.15
CA LEU C 86 7.61 -1.72 12.70
C LEU C 86 8.16 -1.02 11.46
N ILE C 87 9.47 -0.78 11.45
CA ILE C 87 10.10 -0.21 10.24
C ILE C 87 9.76 -1.15 9.08
N ALA C 88 9.93 -2.47 9.32
CA ALA C 88 9.81 -3.42 8.20
C ALA C 88 8.37 -3.67 7.80
N SER C 89 7.46 -3.77 8.75
CA SER C 89 6.07 -3.93 8.35
C SER C 89 5.54 -2.66 7.66
N SER C 90 5.88 -1.47 8.17
CA SER C 90 5.43 -0.24 7.51
C SER C 90 5.95 -0.06 6.05
N ALA C 91 7.19 -0.47 5.81
CA ALA C 91 7.68 -0.52 4.46
C ALA C 91 6.92 -1.47 3.54
N ARG C 92 6.47 -2.67 4.02
CA ARG C 92 5.76 -3.54 3.11
C ARG C 92 4.41 -2.94 2.88
N LYS C 93 3.83 -2.40 3.95
CA LYS C 93 2.54 -1.75 3.82
C LYS C 93 2.60 -0.65 2.77
N LEU C 94 3.56 0.24 2.88
CA LEU C 94 3.77 1.20 1.79
C LEU C 94 3.88 0.58 0.43
N ALA C 95 4.72 -0.43 0.28
CA ALA C 95 4.82 -1.03 -1.06
C ALA C 95 3.50 -1.65 -1.51
N ASP C 96 2.72 -2.21 -0.58
CA ASP C 96 1.44 -2.75 -1.03
C ASP C 96 0.49 -1.62 -1.52
N LEU C 97 0.39 -0.56 -0.74
CA LEU C 97 -0.46 0.57 -1.07
C LEU C 97 -0.07 1.30 -2.37
N LEU C 98 1.21 1.59 -2.50
CA LEU C 98 1.74 2.24 -3.72
C LEU C 98 1.42 1.43 -4.97
N GLN C 99 1.57 0.11 -4.90
CA GLN C 99 1.44 -0.71 -6.08
C GLN C 99 -0.03 -0.77 -6.42
N PHE C 100 -0.89 -0.88 -5.40
CA PHE C 100 -2.35 -0.82 -5.64
C PHE C 100 -2.76 0.53 -6.29
N THR C 101 -2.28 1.58 -5.69
CA THR C 101 -2.64 2.90 -6.14
C THR C 101 -2.20 3.19 -7.58
N ARG C 102 -0.99 2.78 -8.02
CA ARG C 102 -0.54 3.05 -9.40
C ARG C 102 -1.60 2.69 -10.41
N VAL C 103 -2.30 1.57 -10.13
CA VAL C 103 -3.26 1.01 -11.06
C VAL C 103 -4.67 1.49 -10.76
N ALA C 104 -5.09 1.44 -9.48
CA ALA C 104 -6.43 1.84 -9.09
C ALA C 104 -6.75 3.33 -9.38
N PHE C 105 -5.78 4.19 -9.07
CA PHE C 105 -5.93 5.62 -9.28
C PHE C 105 -4.99 6.27 -10.33
N GLY C 106 -3.79 5.73 -10.54
CA GLY C 106 -2.86 6.41 -11.42
C GLY C 106 -2.65 5.77 -12.77
N ALA C 107 -3.66 5.16 -13.33
CA ALA C 107 -3.50 4.48 -14.58
C ALA C 107 -3.72 5.45 -15.69
N SER C 108 -3.10 5.19 -16.84
CA SER C 108 -3.42 5.94 -18.03
C SER C 108 -4.66 5.28 -18.62
N ALA C 109 -5.71 6.04 -18.81
CA ALA C 109 -6.93 5.47 -19.34
C ALA C 109 -6.82 4.93 -20.76
N SER C 110 -5.59 4.82 -21.27
CA SER C 110 -5.40 4.31 -22.65
C SER C 110 -5.35 2.77 -22.75
N ALA C 111 -5.86 2.19 -23.85
CA ALA C 111 -6.14 0.73 -23.87
C ALA C 111 -5.00 -0.24 -23.65
N GLU C 112 -5.17 -1.12 -22.68
CA GLU C 112 -4.08 -1.94 -22.15
C GLU C 112 -4.81 -3.02 -21.36
N ASN C 113 -4.38 -4.25 -21.48
CA ASN C 113 -4.96 -5.35 -20.73
C ASN C 113 -4.13 -5.61 -19.50
N PHE C 114 -4.75 -6.18 -18.46
CA PHE C 114 -4.07 -6.61 -17.24
C PHE C 114 -4.38 -8.07 -17.03
N ASP C 115 -3.51 -8.76 -16.28
CA ASP C 115 -3.72 -10.13 -15.88
C ASP C 115 -4.49 -10.10 -14.55
N SER C 116 -5.62 -10.79 -14.51
CA SER C 116 -6.43 -10.74 -13.31
C SER C 116 -5.69 -11.30 -12.09
N ARG C 117 -4.80 -12.28 -12.28
CA ARG C 117 -3.99 -12.82 -11.20
C ARG C 117 -3.19 -11.67 -10.59
N GLU C 118 -2.81 -10.70 -11.44
CA GLU C 118 -2.02 -9.61 -10.93
C GLU C 118 -2.93 -8.63 -10.17
N LEU C 119 -4.16 -8.52 -10.63
CA LEU C 119 -5.14 -7.70 -9.96
C LEU C 119 -5.38 -8.29 -8.55
N GLU C 120 -5.49 -9.63 -8.49
CA GLU C 120 -5.66 -10.32 -7.19
C GLU C 120 -4.50 -9.98 -6.27
N LYS C 121 -3.27 -10.02 -6.76
CA LYS C 121 -2.09 -9.66 -5.94
C LYS C 121 -2.20 -8.24 -5.30
N LEU C 122 -2.64 -7.32 -6.12
CA LEU C 122 -2.78 -5.92 -5.74
C LEU C 122 -3.90 -5.73 -4.65
N ALA C 123 -5.07 -6.32 -4.88
CA ALA C 123 -6.14 -6.32 -3.90
C ALA C 123 -5.81 -7.04 -2.63
N GLN C 124 -5.18 -8.21 -2.71
CA GLN C 124 -4.70 -8.92 -1.54
C GLN C 124 -3.71 -8.09 -0.69
N GLY C 125 -2.87 -7.26 -1.34
CA GLY C 125 -1.89 -6.46 -0.62
C GLY C 125 -2.62 -5.40 0.25
N VAL C 126 -3.78 -4.97 -0.24
CA VAL C 126 -4.57 -3.93 0.42
C VAL C 126 -5.33 -4.58 1.58
N PHE C 127 -5.87 -5.75 1.34
CA PHE C 127 -6.62 -6.47 2.38
C PHE C 127 -5.74 -6.91 3.52
N ALA C 128 -4.44 -6.93 3.28
CA ALA C 128 -3.49 -7.45 4.23
C ALA C 128 -3.38 -6.44 5.33
N HIS C 129 -3.88 -5.22 5.11
CA HIS C 129 -3.75 -4.22 6.17
C HIS C 129 -5.05 -3.69 6.79
N VAL C 130 -6.15 -4.43 6.63
CA VAL C 130 -7.42 -4.11 7.25
C VAL C 130 -7.93 -5.46 7.88
N ARG C 131 -9.12 -5.48 8.52
CA ARG C 131 -9.69 -6.67 9.15
C ARG C 131 -10.36 -7.67 8.19
N PRO C 132 -11.15 -7.24 7.20
CA PRO C 132 -11.84 -8.30 6.44
C PRO C 132 -10.88 -9.25 5.62
N THR C 133 -11.28 -10.48 5.26
CA THR C 133 -10.54 -11.30 4.26
C THR C 133 -11.10 -11.03 2.87
N LEU C 134 -10.30 -11.37 1.86
CA LEU C 134 -10.72 -11.34 0.50
C LEU C 134 -10.88 -12.75 -0.04
N ASP C 135 -12.04 -13.01 -0.64
CA ASP C 135 -12.35 -14.22 -1.37
C ASP C 135 -12.42 -13.81 -2.85
N TRP C 136 -11.30 -13.92 -3.54
CA TRP C 136 -11.26 -13.56 -4.94
C TRP C 136 -11.66 -14.69 -5.88
N GLN C 137 -12.63 -14.49 -6.73
CA GLN C 137 -13.23 -15.60 -7.48
C GLN C 137 -13.24 -15.41 -9.01
N ILE C 138 -12.52 -14.39 -9.48
CA ILE C 138 -12.32 -14.18 -10.91
C ILE C 138 -11.36 -15.25 -11.50
N GLU C 139 -11.85 -16.04 -12.45
CA GLU C 139 -10.99 -17.02 -13.14
C GLU C 139 -9.88 -16.29 -13.85
N PRO C 140 -8.68 -16.90 -13.92
CA PRO C 140 -7.55 -16.15 -14.46
C PRO C 140 -7.80 -15.79 -15.90
N GLN C 141 -7.55 -14.54 -16.24
CA GLN C 141 -7.92 -14.08 -17.55
C GLN C 141 -7.40 -12.68 -17.63
N ALA C 142 -7.26 -12.22 -18.87
CA ALA C 142 -6.87 -10.86 -19.23
C ALA C 142 -8.10 -9.96 -19.04
N MET C 143 -7.90 -8.76 -18.50
CA MET C 143 -8.98 -7.82 -18.27
C MET C 143 -8.59 -6.46 -18.86
N ASN C 144 -9.55 -5.75 -19.44
CA ASN C 144 -9.27 -4.49 -20.06
C ASN C 144 -9.15 -3.42 -19.01
N LYS C 145 -8.73 -2.23 -19.48
CA LYS C 145 -8.37 -1.06 -18.62
C LYS C 145 -9.51 -0.62 -17.66
N PRO C 146 -10.71 -0.40 -18.21
CA PRO C 146 -11.79 0.04 -17.30
C PRO C 146 -12.12 -1.08 -16.29
N SER C 147 -12.15 -2.33 -16.73
CA SER C 147 -12.41 -3.47 -15.88
C SER C 147 -11.43 -3.56 -14.73
N SER C 148 -10.18 -3.20 -15.00
CA SER C 148 -9.11 -3.48 -14.06
C SER C 148 -9.10 -2.40 -13.02
N ARG C 149 -9.28 -1.16 -13.49
CA ARG C 149 -9.42 -0.02 -12.62
C ARG C 149 -10.68 -0.13 -11.76
N ALA C 150 -11.78 -0.61 -12.36
CA ALA C 150 -12.99 -0.78 -11.59
C ALA C 150 -12.83 -1.77 -10.46
N VAL C 151 -12.28 -2.95 -10.74
CA VAL C 151 -12.33 -4.06 -9.84
C VAL C 151 -11.44 -3.76 -8.66
N LEU C 152 -10.34 -3.08 -8.88
CA LEU C 152 -9.49 -2.72 -7.76
C LEU C 152 -10.18 -1.69 -6.82
N ASN C 153 -10.87 -0.70 -7.38
CA ASN C 153 -11.53 0.26 -6.51
C ASN C 153 -12.73 -0.37 -5.80
N ILE C 154 -13.46 -1.23 -6.50
CA ILE C 154 -14.62 -1.90 -5.96
C ILE C 154 -14.23 -2.85 -4.85
N ALA C 155 -13.11 -3.57 -5.02
CA ALA C 155 -12.66 -4.47 -3.97
C ALA C 155 -12.31 -3.66 -2.72
N GLN C 156 -11.73 -2.49 -2.90
CA GLN C 156 -11.35 -1.71 -1.69
C GLN C 156 -12.59 -1.04 -1.01
N ILE C 157 -13.52 -0.59 -1.83
CA ILE C 157 -14.82 -0.07 -1.30
C ILE C 157 -15.48 -1.16 -0.48
N ALA C 158 -15.42 -2.41 -0.97
CA ALA C 158 -15.91 -3.55 -0.18
C ALA C 158 -15.07 -3.74 1.11
N ALA C 159 -13.75 -3.69 1.04
CA ALA C 159 -12.97 -3.71 2.31
C ALA C 159 -13.46 -2.62 3.32
N SER C 160 -13.64 -1.40 2.80
CA SER C 160 -13.98 -0.25 3.57
C SER C 160 -15.41 -0.29 4.12
N ALA C 161 -16.27 -1.14 3.55
CA ALA C 161 -17.59 -1.35 4.02
C ALA C 161 -17.63 -2.34 5.19
N LEU C 162 -16.48 -2.87 5.55
CA LEU C 162 -16.36 -3.86 6.64
C LEU C 162 -15.46 -3.42 7.79
N PRO C 163 -15.81 -2.31 8.44
CA PRO C 163 -14.98 -1.75 9.54
C PRO C 163 -14.78 -2.73 10.74
N ALA C 164 -15.74 -3.66 10.86
CA ALA C 164 -15.61 -4.62 11.92
C ALA C 164 -15.29 -6.04 11.45
N GLY C 165 -14.62 -6.19 10.31
CA GLY C 165 -14.26 -7.52 9.84
C GLY C 165 -15.36 -8.16 9.00
N GLY C 166 -15.08 -9.38 8.55
CA GLY C 166 -15.93 -10.10 7.65
C GLY C 166 -15.20 -10.46 6.37
N VAL C 167 -16.02 -10.70 5.33
CA VAL C 167 -15.59 -11.25 4.02
C VAL C 167 -16.09 -10.45 2.84
N ALA C 168 -15.15 -10.08 1.98
CA ALA C 168 -15.46 -9.48 0.68
C ALA C 168 -15.19 -10.52 -0.40
N THR C 169 -16.23 -10.87 -1.15
CA THR C 169 -16.20 -11.86 -2.19
C THR C 169 -16.20 -11.07 -3.51
N VAL C 170 -15.16 -11.23 -4.36
CA VAL C 170 -15.07 -10.46 -5.61
C VAL C 170 -15.26 -11.41 -6.77
N LYS C 171 -16.30 -11.15 -7.56
CA LYS C 171 -16.62 -11.99 -8.71
C LYS C 171 -16.49 -11.11 -9.95
N GLY C 172 -16.20 -11.75 -11.09
CA GLY C 172 -16.01 -11.04 -12.34
C GLY C 172 -16.05 -11.99 -13.49
N VAL C 173 -16.90 -11.72 -14.46
CA VAL C 173 -17.17 -12.61 -15.59
C VAL C 173 -17.27 -11.78 -16.89
N ALA C 174 -16.60 -12.25 -17.97
CA ALA C 174 -16.74 -11.61 -19.29
C ALA C 174 -17.83 -12.35 -19.96
N ALA C 175 -18.95 -11.68 -20.26
CA ALA C 175 -20.01 -12.37 -21.01
C ALA C 175 -20.82 -11.36 -21.78
N ASP C 176 -21.45 -11.78 -22.89
CA ASP C 176 -22.55 -10.97 -23.45
C ASP C 176 -22.10 -9.56 -23.82
N GLY C 177 -20.85 -9.40 -24.31
CA GLY C 177 -20.32 -8.08 -24.69
C GLY C 177 -19.91 -7.17 -23.52
N ARG C 178 -19.85 -7.76 -22.33
CA ARG C 178 -19.36 -6.99 -21.21
C ARG C 178 -18.50 -7.75 -20.20
N PHE C 179 -17.82 -7.00 -19.34
CA PHE C 179 -17.21 -7.59 -18.16
C PHE C 179 -17.97 -7.08 -16.92
N SER C 180 -18.50 -8.02 -16.13
CA SER C 180 -19.40 -7.70 -15.00
C SER C 180 -18.80 -8.07 -13.69
N ILE C 181 -18.58 -7.07 -12.89
CA ILE C 181 -17.96 -7.25 -11.59
C ILE C 181 -19.01 -7.09 -10.47
N ILE C 182 -18.95 -7.92 -9.45
CA ILE C 182 -19.71 -7.67 -8.26
C ILE C 182 -18.93 -8.06 -7.03
N ALA C 183 -18.86 -7.18 -6.07
CA ALA C 183 -18.27 -7.51 -4.78
C ALA C 183 -19.30 -7.54 -3.65
N ASP C 184 -19.43 -8.65 -2.97
CA ASP C 184 -20.28 -8.76 -1.83
C ASP C 184 -19.50 -8.64 -0.55
N ALA C 185 -19.84 -7.67 0.28
CA ALA C 185 -19.27 -7.56 1.62
C ALA C 185 -20.25 -8.04 2.68
N LYS C 186 -19.81 -8.95 3.53
CA LYS C 186 -20.62 -9.52 4.59
C LYS C 186 -19.90 -9.55 5.92
N GLY C 187 -20.43 -8.88 6.93
CA GLY C 187 -19.73 -8.77 8.21
C GLY C 187 -20.51 -7.93 9.23
N PRO C 188 -20.18 -8.05 10.53
CA PRO C 188 -20.99 -7.29 11.50
C PRO C 188 -20.96 -5.81 11.15
N ARG C 189 -22.17 -5.23 11.10
CA ARG C 189 -22.34 -3.83 10.76
C ARG C 189 -21.85 -3.40 9.33
N ALA C 190 -21.83 -4.31 8.33
CA ALA C 190 -21.45 -3.86 6.97
C ALA C 190 -22.28 -2.68 6.52
N ARG C 191 -21.60 -1.68 5.98
CA ARG C 191 -22.27 -0.45 5.61
C ARG C 191 -21.50 0.32 4.55
N LEU C 192 -22.21 0.72 3.50
CA LEU C 192 -21.70 1.76 2.59
C LEU C 192 -22.14 3.14 3.14
N ARG C 193 -21.16 3.93 3.55
CA ARG C 193 -21.42 5.25 4.12
C ARG C 193 -22.08 6.23 3.18
N PRO C 194 -22.82 7.22 3.73
CA PRO C 194 -23.55 8.12 2.79
C PRO C 194 -22.68 8.82 1.72
N GLU C 195 -21.48 9.26 2.07
CA GLU C 195 -20.57 9.87 1.08
C GLU C 195 -20.18 8.85 0.00
N VAL C 196 -20.12 7.56 0.34
CA VAL C 196 -19.72 6.59 -0.62
C VAL C 196 -20.90 6.41 -1.56
N LEU C 197 -22.11 6.30 -1.02
CA LEU C 197 -23.23 6.12 -1.96
C LEU C 197 -23.39 7.34 -2.82
N ALA C 198 -23.20 8.52 -2.25
CA ALA C 198 -23.21 9.76 -3.08
C ALA C 198 -22.13 9.75 -4.17
N GLY C 199 -20.89 9.42 -3.81
CA GLY C 199 -19.83 9.35 -4.85
C GLY C 199 -20.17 8.35 -5.96
N LEU C 200 -20.78 7.22 -5.60
CA LEU C 200 -21.12 6.16 -6.58
C LEU C 200 -22.24 6.51 -7.52
N LYS C 201 -22.97 7.61 -7.28
CA LYS C 201 -23.95 8.15 -8.22
C LYS C 201 -23.42 9.42 -8.86
N GLY C 202 -22.15 9.75 -8.63
CA GLY C 202 -21.64 11.01 -9.15
C GLY C 202 -22.20 12.31 -8.58
N GLU C 203 -22.98 12.23 -7.49
CA GLU C 203 -23.43 13.43 -6.76
C GLU C 203 -22.31 14.11 -5.95
N PRO C 204 -22.44 15.40 -5.59
CA PRO C 204 -21.41 16.06 -4.82
C PRO C 204 -21.27 15.58 -3.35
N LEU C 205 -20.12 15.89 -2.75
CA LEU C 205 -19.89 15.61 -1.34
C LEU C 205 -20.87 16.46 -0.54
N ALA C 206 -21.74 15.83 0.25
CA ALA C 206 -22.65 16.58 1.16
C ALA C 206 -22.15 16.65 2.62
N GLU C 207 -22.42 15.58 3.38
CA GLU C 207 -21.86 15.42 4.72
C GLU C 207 -20.87 14.22 4.71
N GLY C 208 -19.99 14.20 5.71
CA GLY C 208 -18.90 13.19 5.76
C GLY C 208 -17.63 13.42 4.92
N LEU C 209 -16.77 12.43 4.93
CA LEU C 209 -15.37 12.65 4.60
C LEU C 209 -15.10 12.62 3.08
N GLY C 210 -14.20 13.51 2.63
CA GLY C 210 -13.75 13.59 1.22
C GLY C 210 -13.12 12.30 0.70
N GLY C 211 -12.30 11.65 1.51
CA GLY C 211 -11.53 10.44 1.06
C GLY C 211 -12.36 9.29 0.49
N PRO C 212 -13.35 8.80 1.28
CA PRO C 212 -14.27 7.75 0.77
C PRO C 212 -15.06 8.27 -0.43
N TRP C 213 -15.50 9.53 -0.35
CA TRP C 213 -16.23 10.13 -1.46
C TRP C 213 -15.41 10.19 -2.76
N VAL C 214 -14.16 10.70 -2.74
CA VAL C 214 -13.42 10.79 -4.02
C VAL C 214 -13.30 9.42 -4.69
N GLN C 215 -12.99 8.39 -3.91
CA GLN C 215 -12.76 7.07 -4.49
C GLN C 215 -13.98 6.64 -5.24
N ALA C 216 -15.15 6.90 -4.63
CA ALA C 216 -16.35 6.39 -5.24
C ALA C 216 -16.75 7.22 -6.44
N ALA C 217 -16.58 8.54 -6.39
CA ALA C 217 -16.92 9.39 -7.54
C ALA C 217 -15.95 9.11 -8.67
N TYR C 218 -14.68 8.92 -8.32
CA TYR C 218 -13.64 8.55 -9.31
C TYR C 218 -14.06 7.29 -10.08
N LEU C 219 -14.52 6.30 -9.32
CA LEU C 219 -14.93 5.04 -9.88
C LEU C 219 -16.17 5.28 -10.77
N ASN C 220 -17.12 6.14 -10.32
CA ASN C 220 -18.30 6.41 -11.10
C ASN C 220 -17.90 7.05 -12.43
N ALA C 221 -16.98 8.01 -12.36
CA ALA C 221 -16.58 8.74 -13.57
C ALA C 221 -15.95 7.76 -14.59
N LEU C 222 -15.10 6.85 -14.13
CA LEU C 222 -14.36 6.02 -15.08
C LEU C 222 -15.27 4.98 -15.66
N VAL C 223 -16.22 4.49 -14.86
CA VAL C 223 -17.12 3.48 -15.35
C VAL C 223 -18.09 4.19 -16.33
N ARG C 224 -18.57 5.37 -15.98
CA ARG C 224 -19.44 6.09 -16.90
C ARG C 224 -18.76 6.41 -18.22
N ALA C 225 -17.59 7.05 -18.17
CA ALA C 225 -16.79 7.30 -19.39
C ALA C 225 -16.61 6.06 -20.23
N ALA C 226 -16.63 4.86 -19.62
CA ALA C 226 -16.50 3.63 -20.44
C ALA C 226 -17.81 3.07 -20.96
N GLY C 227 -18.92 3.72 -20.66
CA GLY C 227 -20.22 3.30 -21.20
C GLY C 227 -20.89 2.31 -20.28
N GLY C 228 -20.35 2.08 -19.09
CA GLY C 228 -20.92 1.05 -18.20
C GLY C 228 -21.78 1.61 -17.05
N GLN C 229 -22.25 0.75 -16.14
CA GLN C 229 -23.03 1.26 -14.98
C GLN C 229 -22.62 0.70 -13.63
N ILE C 230 -22.98 1.44 -12.60
CA ILE C 230 -22.80 0.97 -11.25
C ILE C 230 -24.11 0.64 -10.53
N ALA C 231 -24.10 -0.47 -9.79
CA ALA C 231 -25.23 -0.89 -8.94
C ALA C 231 -24.77 -1.25 -7.53
N VAL C 232 -25.68 -1.15 -6.56
CA VAL C 232 -25.40 -1.37 -5.16
C VAL C 232 -26.58 -2.13 -4.60
N GLU C 233 -26.33 -2.95 -3.60
CA GLU C 233 -27.35 -3.68 -2.84
C GLU C 233 -26.98 -3.48 -1.39
N ILE C 234 -27.97 -3.41 -0.49
CA ILE C 234 -27.77 -3.21 0.95
C ILE C 234 -28.78 -4.08 1.69
N GLY C 235 -28.32 -4.74 2.74
CA GLY C 235 -29.13 -5.68 3.53
C GLY C 235 -28.61 -5.55 4.93
N GLU C 236 -29.10 -6.42 5.82
CA GLU C 236 -28.53 -6.50 7.19
C GLU C 236 -27.11 -7.07 7.16
N ASP C 237 -26.15 -6.32 7.69
CA ASP C 237 -24.78 -6.83 7.70
C ASP C 237 -24.25 -7.26 6.32
N ARG C 238 -24.77 -6.65 5.26
CA ARG C 238 -24.26 -6.92 3.93
C ARG C 238 -24.35 -5.68 3.09
N ALA C 239 -23.45 -5.56 2.12
CA ALA C 239 -23.50 -4.52 1.07
C ALA C 239 -22.80 -5.11 -0.13
N SER C 240 -23.26 -4.79 -1.31
CA SER C 240 -22.56 -5.23 -2.49
C SER C 240 -22.43 -4.07 -3.49
N ILE C 241 -21.31 -4.05 -4.23
CA ILE C 241 -21.00 -2.96 -5.16
C ILE C 241 -20.73 -3.66 -6.49
N ALA C 242 -21.48 -3.31 -7.52
CA ALA C 242 -21.41 -3.95 -8.84
C ALA C 242 -21.04 -2.92 -9.90
N ALA C 243 -20.31 -3.33 -10.93
CA ALA C 243 -20.20 -2.52 -12.14
C ALA C 243 -20.00 -3.44 -13.30
N TRP C 244 -20.62 -3.12 -14.42
CA TRP C 244 -20.19 -3.69 -15.67
C TRP C 244 -19.57 -2.60 -16.57
N VAL C 245 -18.80 -3.06 -17.53
CA VAL C 245 -18.14 -2.18 -18.47
C VAL C 245 -18.10 -2.98 -19.78
N PRO C 246 -18.04 -2.31 -20.96
CA PRO C 246 -17.99 -3.13 -22.20
C PRO C 246 -16.63 -3.79 -22.23
N ALA C 247 -16.60 -5.04 -22.70
CA ALA C 247 -15.34 -5.80 -22.93
C ALA C 247 -15.35 -6.69 -24.15
NI NI D . -9.04 -18.37 -5.85
C1 GOL E . 0.32 -4.65 9.05
O1 GOL E . -0.77 -4.85 8.20
C2 GOL E . 0.74 -6.02 9.51
O2 GOL E . 0.92 -6.88 8.45
C3 GOL E . 1.97 -6.00 10.38
O3 GOL E . 2.70 -7.17 10.15
C1 GOL F . -5.48 -9.82 7.18
O1 GOL F . -5.45 -9.52 8.58
C2 GOL F . -6.83 -10.00 6.44
O2 GOL F . -6.58 -10.71 5.06
C3 GOL F . -7.54 -10.87 7.51
O3 GOL F . -6.88 -12.08 7.93
MG MG G . 3.25 -20.89 14.07
MG MG H . 6.04 15.71 -5.15
C1 GOL I . 1.39 -10.46 1.24
O1 GOL I . -0.05 -10.52 0.79
C2 GOL I . 1.80 -9.05 0.87
O2 GOL I . 1.42 -8.58 -0.47
C3 GOL I . 1.07 -8.39 2.02
O3 GOL I . 2.12 -7.60 2.54
MG MG J . -5.65 3.55 -1.34
#